data_5N3C
#
_entry.id   5N3C
#
_cell.length_a   58.513
_cell.length_b   72.728
_cell.length_c   108.550
_cell.angle_alpha   90.00
_cell.angle_beta   90.00
_cell.angle_gamma   90.00
#
_symmetry.space_group_name_H-M   'P 21 21 21'
#
loop_
_entity.id
_entity.type
_entity.pdbx_description
1 polymer 'cAMP-dependent protein kinase catalytic subunit alpha'
2 polymer 'cAMP dependent protein kinase inhibitor alpha-like protein'
3 non-polymer [azanyl(thiophen-3-yl)methylidene]azanium
4 non-polymer (4S)-2-METHYL-2,4-PENTANEDIOL
5 water water
#
loop_
_entity_poly.entity_id
_entity_poly.type
_entity_poly.pdbx_seq_one_letter_code
_entity_poly.pdbx_strand_id
1 'polypeptide(L)'
;GHMGNAAAAKKG(SEP)EQESVKEFLAKAKEEFLKKWESPSQNTAQLDHFDRIKTLGTGSFGRVMLVKHKETGNHYAMKI
LDKQKVVKLKQIEHTLNEKRILQAVNFPFLVKLEFSFKDNSNLYMVMEYVPGGEMFSHLRRIGRF(SEP)EPHARFYAAQ
IVLTFEYLHSLDLIYRDLKPENLLIDQQGYIQVTDFGFAKRVKGRTW(TPO)LCGTPEYLAPEIILSKGYNKAVDWWALG
VLIYEMAAGYPPFFADQPIQIYEKIVSGKVRFPSHFSSDLKDLLRNLLQVDLTKRFGNLKNGVNDIKNHKWFATTDWIAI
YQRKVEAPFIPKFKGPGDTSNFDDYEEEEIRV(SEP)INEKCGKEFTEF
;
A
2 'polypeptide(L)' IAAGRTGRRQAIHDILVAA B
#
loop_
_chem_comp.id
_chem_comp.type
_chem_comp.name
_chem_comp.formula
8M2 non-polymer [azanyl(thiophen-3-yl)methylidene]azanium 'C5 H7 N2 S 1'
MPD non-polymer (4S)-2-METHYL-2,4-PENTANEDIOL 'C6 H14 O2'
#
# COMPACT_ATOMS: atom_id res chain seq x y z
N GLY A 1 11.58 15.94 31.63
CA GLY A 1 10.79 15.12 30.68
C GLY A 1 11.68 14.17 29.90
N HIS A 2 11.11 13.48 28.91
CA HIS A 2 11.93 12.62 28.08
C HIS A 2 12.88 13.43 27.20
N MET A 3 12.46 14.62 26.76
CA MET A 3 13.28 15.48 25.92
C MET A 3 13.73 16.71 26.70
N GLY A 4 14.96 17.16 26.44
CA GLY A 4 15.40 18.45 26.90
C GLY A 4 14.82 19.57 26.06
N ASN A 5 15.15 20.79 26.45
CA ASN A 5 14.57 21.97 25.80
C ASN A 5 14.89 22.00 24.30
N ALA A 6 16.16 21.85 23.96
CA ALA A 6 16.56 21.88 22.55
C ALA A 6 15.83 20.82 21.74
N ALA A 7 15.72 19.60 22.26
CA ALA A 7 15.07 18.53 21.53
C ALA A 7 13.59 18.81 21.34
N ALA A 8 12.91 19.31 22.38
CA ALA A 8 11.46 19.51 22.29
C ALA A 8 11.13 20.66 21.35
N ALA A 9 11.93 21.72 21.37
CA ALA A 9 11.71 22.85 20.49
C ALA A 9 11.87 22.46 19.04
N LYS A 10 12.93 21.71 18.74
CA LYS A 10 13.12 21.21 17.38
C LYS A 10 11.92 20.39 16.93
N LYS A 11 11.50 19.43 17.76
CA LYS A 11 10.38 18.57 17.38
C LYS A 11 9.12 19.40 17.12
N GLY A 12 8.80 20.34 17.99
CA GLY A 12 7.65 21.20 17.76
C GLY A 12 7.72 21.92 16.42
N SEP A 13 8.87 22.51 16.12
CA SEP A 13 9.05 23.23 14.86
CB SEP A 13 10.43 23.88 14.79
OG SEP A 13 10.74 24.26 13.45
C SEP A 13 8.87 22.26 13.69
O SEP A 13 8.25 22.62 12.69
P SEP A 13 11.70 25.55 13.26
O1P SEP A 13 11.92 25.64 11.69
O2P SEP A 13 13.07 25.33 14.07
O3P SEP A 13 10.95 26.85 13.82
H SEP A 13 9.57 22.52 16.63
HA SEP A 13 8.37 23.93 14.79
HB2 SEP A 13 11.11 23.25 15.10
HB3 SEP A 13 10.44 24.68 15.34
N GLU A 14 9.39 21.05 13.83
CA GLU A 14 9.29 20.01 12.80
C GLU A 14 7.83 19.66 12.53
N GLN A 15 7.05 19.57 13.60
CA GLN A 15 5.64 19.24 13.43
C GLN A 15 4.89 20.37 12.73
N GLU A 16 5.27 21.62 12.99
CA GLU A 16 4.63 22.74 12.30
C GLU A 16 5.01 22.78 10.82
N SER A 17 6.23 22.37 10.49
CA SER A 17 6.61 22.27 9.09
C SER A 17 5.79 21.18 8.40
N VAL A 18 5.52 20.09 9.10
CA VAL A 18 4.69 19.03 8.53
C VAL A 18 3.33 19.58 8.15
N LYS A 19 2.73 20.37 9.03
CA LYS A 19 1.43 20.97 8.75
C LYS A 19 1.51 21.89 7.54
N GLU A 20 2.59 22.67 7.44
CA GLU A 20 2.77 23.54 6.28
C GLU A 20 2.85 22.72 4.99
N PHE A 21 3.60 21.62 5.01
CA PHE A 21 3.73 20.75 3.86
C PHE A 21 2.37 20.15 3.47
N LEU A 22 1.63 19.65 4.45
CA LEU A 22 0.37 18.97 4.13
C LEU A 22 -0.66 19.94 3.58
N ALA A 23 -0.63 21.19 4.03
CA ALA A 23 -1.55 22.17 3.47
C ALA A 23 -1.28 22.37 1.98
N LYS A 24 -0.02 22.52 1.60
CA LYS A 24 0.32 22.69 0.20
C LYS A 24 0.00 21.43 -0.59
N ALA A 25 0.25 20.25 0.00
CA ALA A 25 -0.01 18.99 -0.68
C ALA A 25 -1.50 18.82 -0.97
N LYS A 26 -2.36 19.27 -0.07
CA LYS A 26 -3.79 19.15 -0.29
C LYS A 26 -4.24 20.04 -1.44
N GLU A 27 -3.74 21.28 -1.49
CA GLU A 27 -4.05 22.19 -2.57
C GLU A 27 -3.73 21.57 -3.94
N GLU A 28 -2.54 20.97 -4.06
CA GLU A 28 -2.15 20.33 -5.31
C GLU A 28 -3.00 19.11 -5.61
N PHE A 29 -3.32 18.32 -4.59
CA PHE A 29 -4.19 17.16 -4.80
C PHE A 29 -5.56 17.58 -5.30
N LEU A 30 -6.19 18.54 -4.64
CA LEU A 30 -7.57 18.92 -4.99
C LEU A 30 -7.66 19.41 -6.42
N LYS A 31 -6.66 20.17 -6.88
CA LYS A 31 -6.66 20.62 -8.28
C LYS A 31 -6.78 19.44 -9.24
N LYS A 32 -6.00 18.37 -9.01
CA LYS A 32 -6.04 17.21 -9.88
C LYS A 32 -7.24 16.32 -9.61
N TRP A 33 -7.74 16.31 -8.38
CA TRP A 33 -8.89 15.48 -8.04
C TRP A 33 -10.15 15.99 -8.72
N GLU A 34 -10.27 17.31 -8.87
CA GLU A 34 -11.44 17.89 -9.52
C GLU A 34 -11.35 17.86 -11.04
N SER A 35 -10.14 17.77 -11.61
CA SER A 35 -9.93 17.79 -13.06
C SER A 35 -8.98 16.67 -13.45
N PRO A 36 -9.45 15.42 -13.47
CA PRO A 36 -8.54 14.29 -13.76
C PRO A 36 -8.12 14.22 -15.24
N GLN A 38 -7.37 11.20 -18.45
CA GLN A 38 -8.15 10.19 -19.16
C GLN A 38 -7.63 9.96 -20.59
N ASN A 39 -7.49 8.67 -20.96
CA ASN A 39 -7.23 8.22 -22.33
C ASN A 39 -5.90 8.79 -22.88
N THR A 40 -4.84 8.61 -22.11
CA THR A 40 -3.55 9.21 -22.44
C THR A 40 -2.66 8.29 -23.30
N ALA A 41 -3.18 7.17 -23.82
CA ALA A 41 -2.43 6.28 -24.70
C ALA A 41 -3.33 5.15 -25.20
N GLN A 42 -2.77 4.20 -25.94
CA GLN A 42 -3.53 3.04 -26.40
C GLN A 42 -2.65 1.81 -26.42
N LEU A 43 -3.29 0.64 -26.54
CA LEU A 43 -2.60 -0.62 -26.30
C LEU A 43 -1.42 -0.81 -27.25
N ASP A 44 -1.64 -0.55 -28.54
CA ASP A 44 -0.63 -0.78 -29.57
C ASP A 44 0.59 0.11 -29.43
N HIS A 45 0.61 1.04 -28.48
CA HIS A 45 1.81 1.83 -28.23
C HIS A 45 2.85 1.10 -27.41
N PHE A 46 2.58 -0.14 -26.99
CA PHE A 46 3.45 -0.85 -26.06
C PHE A 46 3.68 -2.28 -26.54
N ASP A 47 4.91 -2.76 -26.37
CA ASP A 47 5.19 -4.18 -26.52
C ASP A 47 5.05 -4.85 -25.15
N ARG A 48 4.35 -5.99 -25.13
CA ARG A 48 4.21 -6.77 -23.91
C ARG A 48 5.41 -7.68 -23.75
N ILE A 49 6.00 -7.70 -22.56
N ILE A 49 5.99 -7.71 -22.55
CA ILE A 49 7.23 -8.44 -22.29
CA ILE A 49 7.23 -8.43 -22.28
C ILE A 49 6.96 -9.66 -21.41
C ILE A 49 6.99 -9.65 -21.40
N LYS A 50 6.42 -9.45 -20.21
CA LYS A 50 6.32 -10.52 -19.23
C LYS A 50 5.24 -10.19 -18.20
N THR A 51 4.54 -11.23 -17.73
CA THR A 51 3.60 -11.07 -16.62
C THR A 51 4.36 -11.02 -15.29
N LEU A 52 4.13 -9.95 -14.52
CA LEU A 52 4.82 -9.74 -13.25
C LEU A 52 4.00 -10.14 -12.04
N GLY A 53 2.68 -10.27 -12.18
CA GLY A 53 1.79 -10.63 -11.09
C GLY A 53 0.39 -10.91 -11.62
N THR A 54 -0.38 -11.73 -10.92
CA THR A 54 -1.73 -12.09 -11.34
C THR A 54 -2.64 -12.14 -10.12
N GLY A 55 -3.89 -11.72 -10.31
CA GLY A 55 -4.91 -11.79 -9.29
C GLY A 55 -6.27 -12.11 -9.90
N SER A 56 -7.34 -11.88 -9.15
CA SER A 56 -8.66 -12.33 -9.57
C SER A 56 -9.08 -11.69 -10.89
N PHE A 57 -8.88 -10.39 -11.06
CA PHE A 57 -9.49 -9.65 -12.16
C PHE A 57 -8.53 -9.32 -13.30
N GLY A 58 -7.30 -9.81 -13.26
CA GLY A 58 -6.37 -9.55 -14.35
C GLY A 58 -4.92 -9.70 -13.86
N ARG A 59 -4.02 -9.05 -14.60
CA ARG A 59 -2.59 -9.21 -14.38
C ARG A 59 -1.90 -7.85 -14.42
N VAL A 60 -0.65 -7.83 -13.94
CA VAL A 60 0.28 -6.75 -14.18
C VAL A 60 1.38 -7.28 -15.08
N MET A 61 1.68 -6.57 -16.16
CA MET A 61 2.73 -6.95 -17.08
C MET A 61 3.78 -5.84 -17.20
N LEU A 62 5.04 -6.27 -17.34
CA LEU A 62 6.06 -5.39 -17.89
C LEU A 62 5.79 -5.13 -19.36
N VAL A 63 5.81 -3.85 -19.76
CA VAL A 63 5.66 -3.44 -21.15
C VAL A 63 6.76 -2.45 -21.48
N LYS A 64 7.05 -2.33 -22.77
CA LYS A 64 8.00 -1.36 -23.29
C LYS A 64 7.29 -0.43 -24.25
N HIS A 65 7.39 0.87 -23.98
CA HIS A 65 6.78 1.87 -24.86
C HIS A 65 7.53 1.91 -26.20
N LYS A 66 6.81 1.64 -27.29
CA LYS A 66 7.48 1.46 -28.58
C LYS A 66 8.20 2.72 -29.03
N GLU A 67 7.61 3.89 -28.80
CA GLU A 67 8.23 5.14 -29.27
C GLU A 67 9.50 5.45 -28.49
N THR A 68 9.40 5.51 -27.15
CA THR A 68 10.51 5.99 -26.32
C THR A 68 11.39 4.87 -25.77
N GLY A 69 10.96 3.61 -25.85
CA GLY A 69 11.72 2.52 -25.26
C GLY A 69 11.67 2.45 -23.75
N ASN A 70 10.94 3.34 -23.09
CA ASN A 70 10.81 3.28 -21.64
C ASN A 70 10.02 2.04 -21.24
N HIS A 71 10.37 1.49 -20.08
CA HIS A 71 9.63 0.37 -19.52
C HIS A 71 8.61 0.84 -18.49
N TYR A 72 7.49 0.13 -18.44
CA TYR A 72 6.40 0.44 -17.52
C TYR A 72 5.78 -0.86 -17.02
N ALA A 73 5.06 -0.74 -15.91
CA ALA A 73 4.19 -1.79 -15.41
C ALA A 73 2.77 -1.47 -15.85
N MET A 74 2.13 -2.40 -16.56
CA MET A 74 0.78 -2.19 -17.07
C MET A 74 -0.17 -3.13 -16.36
N LYS A 75 -1.14 -2.56 -15.66
CA LYS A 75 -2.20 -3.33 -15.02
C LYS A 75 -3.37 -3.44 -15.98
N ILE A 76 -3.87 -4.66 -16.16
CA ILE A 76 -4.96 -4.99 -17.09
C ILE A 76 -6.11 -5.56 -16.27
N LEU A 77 -7.27 -4.93 -16.36
CA LEU A 77 -8.47 -5.38 -15.67
C LEU A 77 -9.49 -5.83 -16.73
N ASP A 78 -9.96 -7.07 -16.61
CA ASP A 78 -10.98 -7.59 -17.51
C ASP A 78 -12.33 -7.00 -17.11
N LYS A 79 -12.87 -6.11 -17.95
CA LYS A 79 -14.07 -5.36 -17.57
C LYS A 79 -15.21 -6.27 -17.14
N GLN A 80 -15.32 -7.45 -17.75
CA GLN A 80 -16.37 -8.37 -17.34
C GLN A 80 -16.06 -8.96 -15.97
N LYS A 81 -14.83 -9.45 -15.77
CA LYS A 81 -14.44 -9.97 -14.46
C LYS A 81 -14.66 -8.95 -13.36
N VAL A 82 -14.58 -7.66 -13.68
CA VAL A 82 -14.91 -6.61 -12.71
C VAL A 82 -16.43 -6.50 -12.71
N VAL A 83 -17.10 -7.52 -12.17
CA VAL A 83 -18.56 -7.62 -12.30
C VAL A 83 -19.23 -7.16 -11.02
N LYS A 84 -18.56 -7.39 -9.87
CA LYS A 84 -19.14 -7.10 -8.57
C LYS A 84 -19.32 -5.61 -8.34
N LEU A 85 -20.41 -5.25 -7.67
CA LEU A 85 -20.73 -3.85 -7.40
C LEU A 85 -19.51 -3.10 -6.85
N LYS A 86 -18.99 -3.54 -5.71
N LYS A 86 -19.01 -3.56 -5.72
CA LYS A 86 -17.87 -2.82 -5.13
CA LYS A 86 -17.87 -2.89 -5.09
C LYS A 86 -16.57 -3.05 -5.89
C LYS A 86 -16.61 -3.02 -5.94
N GLN A 87 -16.49 -4.09 -6.72
CA GLN A 87 -15.33 -4.21 -7.61
C GLN A 87 -15.29 -3.02 -8.58
N ILE A 88 -16.46 -2.51 -9.00
CA ILE A 88 -16.55 -1.49 -10.04
C ILE A 88 -16.19 -0.10 -9.51
N GLU A 89 -16.92 0.35 -8.47
N GLU A 89 -16.88 0.39 -8.47
CA GLU A 89 -16.64 1.61 -7.80
CA GLU A 89 -16.53 1.74 -8.02
C GLU A 89 -15.19 1.71 -7.41
C GLU A 89 -15.14 1.76 -7.37
N HIS A 90 -14.66 0.62 -6.85
CA HIS A 90 -13.27 0.56 -6.40
C HIS A 90 -12.29 0.80 -7.55
N THR A 91 -12.62 0.32 -8.75
N THR A 91 -12.60 0.30 -8.74
CA THR A 91 -11.74 0.53 -9.89
CA THR A 91 -11.71 0.54 -9.88
C THR A 91 -11.71 2.00 -10.29
C THR A 91 -11.69 2.02 -10.25
N LEU A 92 -12.85 2.67 -10.20
CA LEU A 92 -12.88 4.10 -10.46
C LEU A 92 -12.14 4.87 -9.37
N ASN A 93 -12.27 4.45 -8.10
CA ASN A 93 -11.47 5.04 -7.01
C ASN A 93 -9.99 4.95 -7.34
N GLU A 94 -9.53 3.75 -7.69
CA GLU A 94 -8.11 3.52 -7.90
C GLU A 94 -7.53 4.51 -8.90
N LYS A 95 -8.16 4.62 -10.08
CA LYS A 95 -7.64 5.46 -11.15
C LYS A 95 -7.66 6.92 -10.76
N ARG A 96 -8.73 7.37 -10.11
CA ARG A 96 -8.84 8.79 -9.83
C ARG A 96 -7.88 9.22 -8.72
N ILE A 97 -7.69 8.35 -7.71
CA ILE A 97 -6.71 8.64 -6.68
C ILE A 97 -5.30 8.65 -7.26
N LEU A 98 -4.96 7.63 -8.04
CA LEU A 98 -3.61 7.53 -8.55
C LEU A 98 -3.23 8.70 -9.44
N GLN A 99 -4.18 9.23 -10.20
CA GLN A 99 -3.84 10.34 -11.07
C GLN A 99 -3.71 11.67 -10.33
N ALA A 100 -4.15 11.75 -9.06
CA ALA A 100 -4.13 13.00 -8.30
C ALA A 100 -3.05 13.06 -7.21
N VAL A 101 -2.50 11.94 -6.74
CA VAL A 101 -1.55 11.97 -5.63
C VAL A 101 -0.14 12.20 -6.16
N ASN A 102 0.76 12.57 -5.23
CA ASN A 102 2.17 12.78 -5.54
C ASN A 102 2.95 12.69 -4.22
N PHE A 103 3.80 11.68 -4.08
CA PHE A 103 4.55 11.44 -2.86
C PHE A 103 5.70 10.50 -3.20
N PRO A 104 6.86 10.63 -2.54
CA PRO A 104 8.03 9.88 -3.02
C PRO A 104 7.90 8.36 -2.89
N PHE A 105 6.97 7.86 -2.08
CA PHE A 105 6.82 6.42 -1.84
C PHE A 105 5.53 5.88 -2.45
N LEU A 106 4.90 6.64 -3.35
CA LEU A 106 3.69 6.23 -4.06
C LEU A 106 4.01 6.04 -5.53
N VAL A 107 3.58 4.92 -6.10
CA VAL A 107 3.88 4.68 -7.50
C VAL A 107 3.21 5.76 -8.37
N LYS A 108 3.88 6.11 -9.46
CA LYS A 108 3.42 7.17 -10.35
C LYS A 108 2.70 6.56 -11.56
N LEU A 109 1.43 6.95 -11.73
CA LEU A 109 0.67 6.60 -12.92
C LEU A 109 1.11 7.46 -14.11
N GLU A 110 1.30 6.82 -15.24
CA GLU A 110 1.75 7.49 -16.46
C GLU A 110 0.68 7.55 -17.55
N PHE A 111 -0.07 6.48 -17.76
CA PHE A 111 -1.17 6.49 -18.72
C PHE A 111 -2.32 5.67 -18.17
N SER A 112 -3.52 5.93 -18.69
CA SER A 112 -4.68 5.09 -18.45
C SER A 112 -5.58 5.17 -19.68
N PHE A 113 -6.27 4.07 -19.96
CA PHE A 113 -7.17 4.00 -21.12
C PHE A 113 -7.95 2.69 -21.01
N LYS A 114 -8.87 2.49 -21.95
CA LYS A 114 -9.74 1.32 -21.94
C LYS A 114 -10.07 0.97 -23.39
N ASP A 115 -10.42 -0.30 -23.61
CA ASP A 115 -10.90 -0.73 -24.92
C ASP A 115 -12.19 -1.52 -24.71
N ASN A 116 -12.57 -2.30 -25.73
CA ASN A 116 -13.85 -3.02 -25.66
C ASN A 116 -13.89 -3.99 -24.49
N SER A 117 -12.74 -4.56 -24.10
CA SER A 117 -12.72 -5.64 -23.13
C SER A 117 -12.07 -5.27 -21.80
N ASN A 118 -11.12 -4.34 -21.78
CA ASN A 118 -10.24 -4.17 -20.63
C ASN A 118 -10.10 -2.71 -20.23
N LEU A 119 -9.70 -2.52 -18.96
CA LEU A 119 -9.19 -1.24 -18.47
C LEU A 119 -7.68 -1.38 -18.28
N TYR A 120 -6.96 -0.27 -18.49
CA TYR A 120 -5.49 -0.27 -18.46
C TYR A 120 -4.98 0.90 -17.63
N MET A 121 -4.05 0.61 -16.73
CA MET A 121 -3.29 1.63 -16.01
C MET A 121 -1.82 1.33 -16.20
N VAL A 122 -1.08 2.30 -16.70
CA VAL A 122 0.33 2.14 -17.00
C VAL A 122 1.11 2.98 -16.01
N MET A 123 1.97 2.37 -15.23
N MET A 123 2.03 2.34 -15.31
CA MET A 123 2.69 3.11 -14.21
CA MET A 123 2.69 2.86 -14.13
C MET A 123 4.16 2.77 -14.26
C MET A 123 4.20 2.81 -14.32
N GLU A 124 4.90 3.55 -13.48
CA GLU A 124 6.34 3.41 -13.40
C GLU A 124 6.71 1.97 -13.02
N TYR A 125 7.68 1.41 -13.74
CA TYR A 125 8.18 0.08 -13.43
C TYR A 125 9.19 0.16 -12.28
N VAL A 126 8.97 -0.67 -11.26
CA VAL A 126 9.86 -0.73 -10.10
C VAL A 126 10.55 -2.09 -10.10
N PRO A 127 11.79 -2.20 -10.58
CA PRO A 127 12.35 -3.52 -10.89
C PRO A 127 12.88 -4.29 -9.68
N GLY A 128 12.93 -3.70 -8.49
CA GLY A 128 13.50 -4.39 -7.35
C GLY A 128 12.64 -5.52 -6.79
N GLY A 129 11.39 -5.64 -7.24
CA GLY A 129 10.52 -6.70 -6.77
C GLY A 129 9.64 -6.31 -5.59
N GLU A 130 8.78 -7.26 -5.22
CA GLU A 130 7.89 -7.09 -4.09
C GLU A 130 8.61 -7.31 -2.77
N MET A 131 8.27 -6.50 -1.76
CA MET A 131 8.78 -6.79 -0.43
C MET A 131 8.47 -8.23 -0.04
N PHE A 132 7.29 -8.71 -0.45
CA PHE A 132 6.82 -10.04 -0.08
C PHE A 132 7.86 -11.12 -0.37
N SER A 133 8.44 -11.11 -1.57
N SER A 133 8.37 -11.12 -1.61
CA SER A 133 9.34 -12.19 -1.95
CA SER A 133 9.37 -12.11 -2.03
C SER A 133 10.69 -12.07 -1.24
C SER A 133 10.60 -12.04 -1.15
N HIS A 134 11.19 -10.84 -1.04
CA HIS A 134 12.41 -10.68 -0.26
C HIS A 134 12.23 -11.13 1.18
N LEU A 135 11.09 -10.78 1.78
CA LEU A 135 10.77 -11.16 3.14
C LEU A 135 10.69 -12.67 3.27
N ARG A 136 9.98 -13.34 2.36
CA ARG A 136 9.87 -14.79 2.47
C ARG A 136 11.23 -15.48 2.24
N ARG A 137 12.09 -14.87 1.42
CA ARG A 137 13.38 -15.46 1.09
C ARG A 137 14.35 -15.35 2.27
N ILE A 138 14.42 -14.16 2.88
CA ILE A 138 15.32 -13.96 4.02
C ILE A 138 14.72 -14.47 5.32
N GLY A 139 13.40 -14.62 5.40
CA GLY A 139 12.78 -15.06 6.62
C GLY A 139 12.14 -13.92 7.39
N ARG A 140 12.97 -13.06 7.98
CA ARG A 140 12.47 -11.88 8.66
C ARG A 140 13.52 -10.79 8.52
N PHE A 141 13.06 -9.56 8.65
CA PHE A 141 13.95 -8.40 8.68
C PHE A 141 14.36 -8.05 10.13
N SEP A 142 15.62 -7.71 10.34
N SEP A 142 15.62 -7.67 10.31
CA SEP A 142 16.05 -7.25 11.66
CA SEP A 142 16.08 -7.15 11.59
CB SEP A 142 17.58 -7.10 11.73
CB SEP A 142 17.56 -6.75 11.51
OG SEP A 142 18.23 -8.30 11.32
OG SEP A 142 17.70 -5.51 10.85
C SEP A 142 15.33 -5.92 11.92
C SEP A 142 15.24 -5.93 11.92
O SEP A 142 14.87 -5.27 10.98
O SEP A 142 14.62 -5.34 11.03
P SEP A 142 19.45 -8.74 12.29
P SEP A 142 19.26 -5.23 10.46
O1P SEP A 142 19.91 -10.24 11.91
O1P SEP A 142 19.73 -6.36 9.43
O2P SEP A 142 20.69 -7.74 12.12
O2P SEP A 142 19.32 -3.78 9.77
O3P SEP A 142 18.96 -8.70 13.82
O3P SEP A 142 20.18 -5.24 11.78
H SEP A 142 16.24 -7.73 9.75
H SEP A 142 16.23 -7.71 9.70
HA SEP A 142 15.77 -7.90 12.33
HA SEP A 142 15.97 -7.83 12.29
HB2 SEP A 142 17.83 -6.90 12.65
HB2 SEP A 142 18.04 -7.44 11.02
HB3 SEP A 142 17.86 -6.37 11.15
HB3 SEP A 142 17.91 -6.68 12.42
N GLU A 143 15.23 -5.53 13.20
CA GLU A 143 14.35 -4.42 13.57
C GLU A 143 14.75 -3.09 12.89
N PRO A 144 16.05 -2.76 12.78
CA PRO A 144 16.39 -1.53 12.03
C PRO A 144 15.93 -1.54 10.59
N HIS A 145 16.01 -2.71 9.94
CA HIS A 145 15.57 -2.90 8.57
C HIS A 145 14.05 -2.73 8.44
N ALA A 146 13.29 -3.39 9.32
CA ALA A 146 11.85 -3.22 9.36
C ALA A 146 11.46 -1.78 9.65
N ARG A 147 12.19 -1.14 10.56
CA ARG A 147 11.91 0.25 10.95
C ARG A 147 12.05 1.21 9.77
N PHE A 148 13.08 1.01 8.95
CA PHE A 148 13.29 1.83 7.75
C PHE A 148 12.08 1.78 6.83
N TYR A 149 11.57 0.58 6.58
CA TYR A 149 10.37 0.46 5.75
C TYR A 149 9.14 1.02 6.44
N ALA A 150 8.98 0.74 7.74
CA ALA A 150 7.80 1.21 8.46
C ALA A 150 7.73 2.72 8.44
N ALA A 151 8.87 3.39 8.61
CA ALA A 151 8.87 4.85 8.63
C ALA A 151 8.29 5.41 7.33
N GLN A 152 8.60 4.77 6.21
CA GLN A 152 8.08 5.21 4.92
C GLN A 152 6.59 5.05 4.85
N ILE A 153 6.06 3.96 5.42
CA ILE A 153 4.61 3.75 5.42
C ILE A 153 3.94 4.77 6.32
N VAL A 154 4.55 5.08 7.48
CA VAL A 154 3.99 6.08 8.38
C VAL A 154 3.85 7.41 7.67
N LEU A 155 4.90 7.84 6.97
CA LEU A 155 4.84 9.12 6.26
C LEU A 155 3.82 9.08 5.13
N THR A 156 3.76 7.97 4.39
CA THR A 156 2.80 7.82 3.30
C THR A 156 1.36 7.88 3.80
N PHE A 157 1.07 7.20 4.92
CA PHE A 157 -0.27 7.25 5.48
C PHE A 157 -0.57 8.64 6.05
N GLU A 158 0.43 9.30 6.64
CA GLU A 158 0.17 10.66 7.10
C GLU A 158 -0.27 11.55 5.94
N TYR A 159 0.41 11.42 4.79
CA TYR A 159 0.05 12.14 3.58
C TYR A 159 -1.35 11.76 3.10
N LEU A 160 -1.59 10.47 2.89
CA LEU A 160 -2.89 10.03 2.39
C LEU A 160 -4.03 10.48 3.30
N HIS A 161 -3.89 10.24 4.61
CA HIS A 161 -4.98 10.57 5.54
C HIS A 161 -5.24 12.09 5.56
N SER A 162 -4.22 12.92 5.38
CA SER A 162 -4.45 14.36 5.34
C SER A 162 -5.30 14.78 4.15
N LEU A 163 -5.32 13.97 3.09
CA LEU A 163 -6.16 14.16 1.93
C LEU A 163 -7.51 13.44 2.04
N ASP A 164 -7.81 12.90 3.23
CA ASP A 164 -9.02 12.09 3.49
C ASP A 164 -9.05 10.81 2.69
N LEU A 165 -7.89 10.24 2.39
CA LEU A 165 -7.77 8.97 1.69
C LEU A 165 -7.41 7.87 2.68
N ILE A 166 -8.18 6.77 2.65
CA ILE A 166 -7.85 5.54 3.39
C ILE A 166 -7.29 4.55 2.38
N TYR A 167 -6.22 3.83 2.75
CA TYR A 167 -5.54 2.94 1.81
C TYR A 167 -6.19 1.55 1.75
N ARG A 168 -6.35 0.89 2.90
CA ARG A 168 -7.14 -0.33 3.13
C ARG A 168 -6.54 -1.64 2.59
N ASP A 169 -5.33 -1.68 2.04
CA ASP A 169 -4.80 -2.99 1.61
C ASP A 169 -3.31 -3.09 1.83
N LEU A 170 -2.84 -2.55 2.94
CA LEU A 170 -1.44 -2.67 3.29
C LEU A 170 -1.08 -4.14 3.48
N LYS A 171 0.02 -4.55 2.83
CA LYS A 171 0.65 -5.85 2.99
C LYS A 171 1.93 -5.90 2.15
N PRO A 172 2.85 -6.83 2.43
CA PRO A 172 4.13 -6.84 1.69
C PRO A 172 3.97 -7.06 0.20
N GLU A 173 2.90 -7.75 -0.23
CA GLU A 173 2.62 -7.98 -1.64
C GLU A 173 2.41 -6.69 -2.41
N ASN A 174 2.04 -5.62 -1.73
CA ASN A 174 1.68 -4.35 -2.34
C ASN A 174 2.78 -3.30 -2.28
N LEU A 175 3.96 -3.68 -1.80
CA LEU A 175 5.07 -2.76 -1.56
C LEU A 175 6.23 -3.20 -2.42
N LEU A 176 6.61 -2.38 -3.39
CA LEU A 176 7.73 -2.67 -4.28
C LEU A 176 8.98 -1.96 -3.76
N ILE A 177 10.14 -2.54 -4.06
N ILE A 177 10.13 -2.56 -4.05
CA ILE A 177 11.42 -1.98 -3.62
CA ILE A 177 11.42 -2.01 -3.64
C ILE A 177 12.13 -1.39 -4.84
C ILE A 177 12.07 -1.38 -4.88
N ASP A 178 12.48 -0.11 -4.77
CA ASP A 178 13.03 0.57 -5.93
C ASP A 178 14.55 0.43 -5.94
N GLN A 179 15.18 1.08 -6.92
CA GLN A 179 16.61 0.89 -7.16
C GLN A 179 17.46 1.44 -6.03
N GLN A 180 16.92 2.36 -5.21
CA GLN A 180 17.65 2.87 -4.05
C GLN A 180 17.30 2.13 -2.76
N GLY A 181 16.48 1.09 -2.83
CA GLY A 181 16.06 0.36 -1.66
C GLY A 181 14.89 0.95 -0.90
N TYR A 182 14.22 1.97 -1.45
CA TYR A 182 13.06 2.57 -0.83
C TYR A 182 11.78 1.92 -1.35
N ILE A 183 10.69 2.14 -0.65
N ILE A 183 10.69 2.16 -0.65
CA ILE A 183 9.42 1.48 -0.94
CA ILE A 183 9.38 1.57 -0.91
C ILE A 183 8.57 2.33 -1.86
C ILE A 183 8.65 2.37 -1.97
N GLN A 184 7.88 1.65 -2.78
CA GLN A 184 6.86 2.24 -3.65
C GLN A 184 5.57 1.49 -3.36
N VAL A 185 4.59 2.19 -2.80
CA VAL A 185 3.27 1.62 -2.56
C VAL A 185 2.53 1.58 -3.89
N THR A 186 2.09 0.40 -4.29
CA THR A 186 1.25 0.29 -5.46
C THR A 186 -0.09 -0.33 -5.05
N ASP A 187 -0.90 -0.66 -6.05
N ASP A 187 -0.80 -0.83 -6.06
CA ASP A 187 -2.20 -1.29 -5.85
CA ASP A 187 -2.20 -1.17 -5.95
C ASP A 187 -3.17 -0.46 -5.00
C ASP A 187 -2.93 -0.24 -5.00
N PHE A 188 -3.77 0.59 -5.59
CA PHE A 188 -4.72 1.43 -4.89
C PHE A 188 -6.16 0.96 -5.09
N GLY A 189 -6.34 -0.32 -5.41
CA GLY A 189 -7.67 -0.81 -5.73
C GLY A 189 -8.68 -0.71 -4.59
N PHE A 190 -8.22 -0.65 -3.34
CA PHE A 190 -9.11 -0.50 -2.19
C PHE A 190 -9.07 0.90 -1.58
N ALA A 191 -8.25 1.81 -2.12
CA ALA A 191 -8.16 3.15 -1.57
C ALA A 191 -9.44 3.93 -1.87
N LYS A 192 -9.82 4.81 -0.93
CA LYS A 192 -11.06 5.55 -1.05
C LYS A 192 -10.94 6.90 -0.35
N ARG A 193 -11.54 7.93 -0.95
CA ARG A 193 -11.65 9.23 -0.28
C ARG A 193 -12.88 9.18 0.61
N VAL A 194 -12.68 9.47 1.91
CA VAL A 194 -13.66 9.25 2.97
C VAL A 194 -13.52 10.39 3.96
N LYS A 195 -14.59 11.18 4.14
CA LYS A 195 -14.53 12.30 5.08
C LYS A 195 -14.77 11.86 6.52
N GLY A 196 -15.54 10.80 6.73
CA GLY A 196 -15.77 10.29 8.07
C GLY A 196 -15.68 8.77 8.14
N ARG A 197 -16.82 8.10 8.12
CA ARG A 197 -16.88 6.64 8.13
C ARG A 197 -17.14 6.09 6.73
N THR A 198 -16.82 4.80 6.57
CA THR A 198 -17.19 4.04 5.40
C THR A 198 -17.48 2.61 5.86
N TRP A 199 -18.14 1.83 4.99
CA TRP A 199 -18.78 0.58 5.43
C TRP A 199 -18.45 -0.66 4.62
N TPO A 200 -17.69 -0.54 3.54
CA TPO A 200 -17.46 -1.72 2.68
CB TPO A 200 -16.77 -1.35 1.38
CG2 TPO A 200 -16.74 -2.61 0.49
OG1 TPO A 200 -17.50 -0.36 0.67
P TPO A 200 -16.77 1.04 0.50
O1P TPO A 200 -17.87 2.09 0.03
O2P TPO A 200 -15.67 0.88 -0.52
O3P TPO A 200 -16.16 1.46 1.92
C TPO A 200 -16.63 -2.77 3.44
O TPO A 200 -15.59 -2.43 4.00
H TPO A 200 -17.31 0.19 3.27
HA TPO A 200 -18.33 -2.12 2.46
HB TPO A 200 -15.77 -1.00 1.57
HG21 TPO A 200 -16.25 -2.39 -0.45
HG22 TPO A 200 -17.76 -2.96 0.31
HG23 TPO A 200 -16.18 -3.40 1.01
N LEU A 201 -17.06 -4.03 3.38
CA LEU A 201 -16.27 -5.12 3.95
C LEU A 201 -15.22 -5.57 2.91
N CYS A 202 -13.99 -5.08 3.04
CA CYS A 202 -12.98 -5.34 2.02
C CYS A 202 -11.58 -5.27 2.64
N GLY A 203 -10.65 -5.97 2.02
CA GLY A 203 -9.27 -6.03 2.43
C GLY A 203 -8.77 -7.44 2.33
N THR A 204 -7.59 -7.68 2.95
CA THR A 204 -6.99 -9.01 2.97
C THR A 204 -7.13 -9.57 4.37
N PRO A 205 -7.62 -10.80 4.54
CA PRO A 205 -8.01 -11.28 5.88
C PRO A 205 -6.99 -11.06 7.01
N GLU A 206 -5.72 -11.43 6.82
CA GLU A 206 -4.72 -11.27 7.88
C GLU A 206 -4.52 -9.82 8.33
N TYR A 207 -4.88 -8.84 7.50
CA TYR A 207 -4.63 -7.44 7.74
C TYR A 207 -5.89 -6.66 8.12
N LEU A 208 -7.05 -7.31 8.17
CA LEU A 208 -8.29 -6.61 8.51
C LEU A 208 -8.34 -6.18 9.98
N ALA A 209 -8.69 -4.90 10.20
CA ALA A 209 -8.96 -4.42 11.54
C ALA A 209 -10.25 -5.04 12.09
N PRO A 210 -10.34 -5.18 13.40
CA PRO A 210 -11.52 -5.84 13.99
C PRO A 210 -12.82 -5.14 13.65
N GLU A 211 -12.81 -3.81 13.56
CA GLU A 211 -14.05 -3.10 13.26
C GLU A 211 -14.54 -3.41 11.85
N ILE A 212 -13.65 -3.75 10.90
CA ILE A 212 -14.11 -4.19 9.58
C ILE A 212 -14.81 -5.54 9.71
N ILE A 213 -14.16 -6.48 10.41
CA ILE A 213 -14.70 -7.83 10.59
C ILE A 213 -16.06 -7.78 11.26
N LEU A 214 -16.25 -6.86 12.20
CA LEU A 214 -17.49 -6.72 12.96
C LEU A 214 -18.54 -5.85 12.26
N SER A 215 -18.35 -5.53 10.98
CA SER A 215 -19.36 -4.83 10.19
C SER A 215 -19.71 -3.46 10.79
N LYS A 216 -18.74 -2.80 11.42
CA LYS A 216 -18.89 -1.44 11.90
C LYS A 216 -18.54 -0.46 10.80
N GLY A 217 -19.16 0.71 10.85
CA GLY A 217 -18.67 1.83 10.08
C GLY A 217 -17.30 2.16 10.64
N TYR A 218 -16.31 2.32 9.79
CA TYR A 218 -14.93 2.46 10.25
C TYR A 218 -14.28 3.64 9.55
N ASN A 219 -13.09 4.02 10.02
CA ASN A 219 -12.39 5.19 9.49
C ASN A 219 -10.93 4.88 9.23
N LYS A 220 -10.13 5.94 9.07
CA LYS A 220 -8.73 5.76 8.69
C LYS A 220 -7.92 4.98 9.71
N ALA A 221 -8.41 4.82 10.95
CA ALA A 221 -7.67 4.04 11.93
C ALA A 221 -7.45 2.59 11.49
N VAL A 222 -8.21 2.09 10.51
CA VAL A 222 -7.94 0.73 10.06
C VAL A 222 -6.57 0.62 9.43
N ASP A 223 -6.07 1.72 8.82
CA ASP A 223 -4.73 1.70 8.25
C ASP A 223 -3.65 1.62 9.34
N TRP A 224 -3.87 2.22 10.51
CA TRP A 224 -2.87 2.13 11.59
C TRP A 224 -2.84 0.74 12.22
N TRP A 225 -4.00 0.08 12.31
CA TRP A 225 -4.02 -1.34 12.67
C TRP A 225 -3.20 -2.14 11.68
N ALA A 226 -3.46 -1.92 10.37
CA ALA A 226 -2.74 -2.69 9.36
C ALA A 226 -1.24 -2.42 9.40
N LEU A 227 -0.83 -1.19 9.73
CA LEU A 227 0.59 -0.93 9.97
C LEU A 227 1.14 -1.86 11.06
N GLY A 228 0.40 -2.06 12.14
CA GLY A 228 0.85 -2.97 13.19
C GLY A 228 1.03 -4.39 12.67
N VAL A 229 0.10 -4.84 11.83
CA VAL A 229 0.24 -6.18 11.26
C VAL A 229 1.51 -6.25 10.38
N LEU A 230 1.76 -5.20 9.58
CA LEU A 230 2.89 -5.20 8.66
C LEU A 230 4.20 -5.22 9.42
N ILE A 231 4.34 -4.34 10.41
CA ILE A 231 5.57 -4.30 11.21
C ILE A 231 5.82 -5.64 11.87
N TYR A 232 4.80 -6.23 12.51
CA TYR A 232 4.92 -7.56 13.08
C TYR A 232 5.41 -8.56 12.03
N GLU A 233 4.75 -8.60 10.85
CA GLU A 233 5.15 -9.60 9.86
C GLU A 233 6.59 -9.37 9.38
N MET A 234 6.97 -8.11 9.16
CA MET A 234 8.33 -7.82 8.73
C MET A 234 9.35 -8.30 9.75
N ALA A 235 9.07 -8.07 11.05
CA ALA A 235 10.01 -8.41 12.12
C ALA A 235 9.94 -9.87 12.56
N ALA A 236 8.80 -10.54 12.38
CA ALA A 236 8.68 -11.94 12.77
C ALA A 236 8.84 -12.92 11.62
N GLY A 237 8.45 -12.52 10.40
CA GLY A 237 8.40 -13.43 9.26
C GLY A 237 7.03 -14.02 8.98
N TYR A 238 6.07 -13.77 9.86
CA TYR A 238 4.70 -14.25 9.72
C TYR A 238 3.80 -13.24 10.42
N PRO A 239 2.54 -13.14 10.03
CA PRO A 239 1.65 -12.11 10.62
C PRO A 239 1.13 -12.55 11.97
N PRO A 240 0.58 -11.61 12.77
CA PRO A 240 0.17 -11.95 14.15
C PRO A 240 -1.07 -12.82 14.25
N PHE A 241 -1.93 -12.82 13.24
CA PHE A 241 -3.18 -13.55 13.27
C PHE A 241 -3.13 -14.48 12.06
N PHE A 242 -2.82 -15.74 12.33
CA PHE A 242 -2.25 -16.66 11.35
C PHE A 242 -3.02 -17.96 11.49
N ALA A 243 -3.79 -18.33 10.46
CA ALA A 243 -4.56 -19.56 10.44
C ALA A 243 -4.85 -19.92 9.00
N ASP A 244 -5.35 -21.15 8.80
CA ASP A 244 -5.52 -21.69 7.44
C ASP A 244 -6.71 -21.08 6.72
N GLN A 245 -7.87 -20.98 7.40
CA GLN A 245 -9.08 -20.44 6.79
C GLN A 245 -9.40 -19.04 7.33
N PRO A 246 -9.96 -18.15 6.50
CA PRO A 246 -10.28 -16.80 6.97
C PRO A 246 -11.09 -16.72 8.26
N ILE A 247 -12.08 -17.61 8.48
CA ILE A 247 -12.93 -17.44 9.66
C ILE A 247 -12.12 -17.61 10.94
N GLN A 248 -11.09 -18.47 10.91
CA GLN A 248 -10.22 -18.62 12.07
C GLN A 248 -9.36 -17.38 12.27
N ILE A 249 -8.90 -16.78 11.17
CA ILE A 249 -8.14 -15.54 11.24
C ILE A 249 -8.99 -14.46 11.92
N TYR A 250 -10.24 -14.33 11.48
CA TYR A 250 -11.15 -13.30 12.00
C TYR A 250 -11.35 -13.46 13.50
N GLU A 251 -11.52 -14.71 13.97
CA GLU A 251 -11.73 -14.93 15.40
C GLU A 251 -10.51 -14.49 16.21
N LYS A 252 -9.31 -14.77 15.73
CA LYS A 252 -8.10 -14.34 16.44
C LYS A 252 -8.01 -12.82 16.46
N ILE A 253 -8.35 -12.16 15.35
CA ILE A 253 -8.26 -10.70 15.27
C ILE A 253 -9.15 -10.05 16.32
N VAL A 254 -10.40 -10.51 16.41
CA VAL A 254 -11.39 -9.90 17.30
C VAL A 254 -11.11 -10.18 18.77
N SER A 255 -10.30 -11.18 19.09
CA SER A 255 -10.12 -11.60 20.49
C SER A 255 -9.47 -10.53 21.36
N GLY A 256 -8.70 -9.62 20.80
CA GLY A 256 -7.91 -8.71 21.61
C GLY A 256 -6.64 -9.31 22.17
N LYS A 257 -6.16 -10.43 21.62
CA LYS A 257 -4.94 -11.10 22.07
C LYS A 257 -3.91 -11.10 20.95
N VAL A 258 -2.63 -10.99 21.33
CA VAL A 258 -1.50 -11.11 20.41
C VAL A 258 -0.31 -11.63 21.20
N ARG A 259 0.42 -12.57 20.60
CA ARG A 259 1.65 -13.10 21.17
C ARG A 259 2.82 -12.68 20.29
N PHE A 260 3.98 -12.47 20.91
CA PHE A 260 5.15 -11.97 20.19
C PHE A 260 6.31 -12.95 20.26
N PRO A 261 7.14 -13.03 19.20
CA PRO A 261 8.39 -13.79 19.28
C PRO A 261 9.29 -13.29 20.40
N SER A 262 10.05 -14.23 20.99
CA SER A 262 10.95 -13.88 22.08
C SER A 262 12.05 -12.93 21.64
N HIS A 263 12.35 -12.84 20.34
CA HIS A 263 13.40 -11.92 19.93
C HIS A 263 12.92 -10.49 19.72
N PHE A 264 11.61 -10.21 19.81
CA PHE A 264 11.11 -8.83 19.68
C PHE A 264 11.60 -8.00 20.85
N SER A 265 12.11 -6.80 20.54
CA SER A 265 12.47 -5.85 21.59
C SER A 265 11.22 -5.40 22.34
N SER A 266 11.42 -4.99 23.60
CA SER A 266 10.30 -4.48 24.39
C SER A 266 9.73 -3.21 23.77
N ASP A 267 10.58 -2.36 23.18
CA ASP A 267 10.07 -1.18 22.49
C ASP A 267 9.13 -1.57 21.33
N LEU A 268 9.52 -2.60 20.56
CA LEU A 268 8.68 -3.03 19.46
C LEU A 268 7.34 -3.58 19.94
N LYS A 269 7.36 -4.45 20.95
CA LYS A 269 6.11 -4.98 21.50
C LYS A 269 5.20 -3.87 22.01
N ASP A 270 5.76 -2.86 22.68
CA ASP A 270 4.93 -1.76 23.17
C ASP A 270 4.27 -1.03 22.00
N LEU A 271 5.02 -0.73 20.94
CA LEU A 271 4.42 -0.08 19.79
C LEU A 271 3.32 -0.94 19.21
N LEU A 272 3.59 -2.24 19.03
CA LEU A 272 2.59 -3.10 18.40
C LEU A 272 1.35 -3.29 19.26
N ARG A 273 1.49 -3.33 20.59
N ARG A 273 1.48 -3.30 20.59
CA ARG A 273 0.30 -3.40 21.44
CA ARG A 273 0.30 -3.43 21.44
C ARG A 273 -0.60 -2.19 21.21
C ARG A 273 -0.56 -2.17 21.42
N ASN A 274 0.00 -1.03 20.98
CA ASN A 274 -0.78 0.20 20.81
C ASN A 274 -1.33 0.37 19.39
N LEU A 275 -0.74 -0.30 18.40
CA LEU A 275 -1.30 -0.32 17.04
C LEU A 275 -2.36 -1.41 16.88
N LEU A 276 -2.08 -2.60 17.39
CA LEU A 276 -3.00 -3.75 17.37
C LEU A 276 -3.94 -3.70 18.57
N GLN A 277 -4.58 -2.54 18.72
CA GLN A 277 -5.47 -2.20 19.82
C GLN A 277 -6.91 -2.28 19.32
N VAL A 278 -7.70 -3.19 19.89
CA VAL A 278 -9.09 -3.32 19.42
C VAL A 278 -9.92 -2.08 19.78
N ASP A 279 -9.61 -1.43 20.90
CA ASP A 279 -10.36 -0.30 21.39
C ASP A 279 -9.93 0.96 20.62
N LEU A 280 -10.83 1.52 19.82
CA LEU A 280 -10.48 2.67 19.00
C LEU A 280 -10.19 3.92 19.82
N THR A 281 -10.68 4.01 21.06
CA THR A 281 -10.32 5.17 21.87
C THR A 281 -8.89 5.09 22.38
N LYS A 282 -8.15 4.03 22.11
N LYS A 282 -8.19 3.98 22.11
CA LYS A 282 -6.78 3.92 22.58
CA LYS A 282 -6.84 3.76 22.60
C LYS A 282 -5.77 3.58 21.49
C LYS A 282 -5.82 3.43 21.53
N ARG A 283 -6.21 3.37 20.25
CA ARG A 283 -5.30 2.93 19.19
C ARG A 283 -4.41 4.08 18.71
N PHE A 284 -3.08 3.87 18.71
CA PHE A 284 -2.18 4.88 18.21
C PHE A 284 -2.48 5.22 16.76
N GLY A 285 -2.40 6.50 16.46
CA GLY A 285 -2.84 7.05 15.21
C GLY A 285 -4.25 7.57 15.25
N ASN A 286 -5.05 7.13 16.22
CA ASN A 286 -6.45 7.55 16.36
C ASN A 286 -6.69 8.42 17.60
N LEU A 287 -5.64 8.90 18.26
CA LEU A 287 -5.80 9.70 19.46
C LEU A 287 -5.66 11.19 19.15
N LYS A 288 -5.75 12.02 20.20
CA LYS A 288 -5.68 13.46 20.04
C LYS A 288 -4.41 13.90 19.31
N ASN A 289 -3.29 13.24 19.59
N ASN A 289 -3.29 13.25 19.57
CA ASN A 289 -2.00 13.58 19.01
CA ASN A 289 -2.03 13.64 18.95
C ASN A 289 -1.80 12.96 17.62
C ASN A 289 -1.79 12.95 17.62
N GLY A 290 -2.75 12.16 17.14
CA GLY A 290 -2.70 11.65 15.79
C GLY A 290 -1.45 10.81 15.54
N VAL A 291 -0.81 11.08 14.40
CA VAL A 291 0.33 10.28 13.96
C VAL A 291 1.53 10.53 14.83
N ASN A 292 1.57 11.65 15.55
CA ASN A 292 2.75 11.93 16.35
C ASN A 292 2.92 10.94 17.50
N ASP A 293 1.86 10.29 17.95
CA ASP A 293 2.04 9.22 18.94
C ASP A 293 2.90 8.10 18.37
N ILE A 294 2.80 7.86 17.07
CA ILE A 294 3.62 6.86 16.40
C ILE A 294 5.02 7.40 16.14
N LYS A 295 5.11 8.58 15.53
CA LYS A 295 6.42 9.12 15.18
C LYS A 295 7.30 9.33 16.40
N ASN A 296 6.70 9.65 17.54
CA ASN A 296 7.48 9.95 18.74
C ASN A 296 7.62 8.73 19.66
N HIS A 297 7.18 7.56 19.21
CA HIS A 297 7.38 6.34 19.99
C HIS A 297 8.88 5.98 20.09
N LYS A 298 9.27 5.43 21.23
CA LYS A 298 10.65 5.05 21.47
C LYS A 298 11.21 4.16 20.37
N TRP A 299 10.39 3.26 19.80
CA TRP A 299 10.94 2.37 18.78
C TRP A 299 11.42 3.13 17.56
N PHE A 300 10.90 4.34 17.33
CA PHE A 300 11.31 5.19 16.22
C PHE A 300 12.29 6.28 16.63
N ALA A 301 12.89 6.15 17.81
CA ALA A 301 13.71 7.23 18.37
C ALA A 301 14.91 7.55 17.48
N THR A 302 15.49 6.56 16.80
CA THR A 302 16.60 6.76 15.88
C THR A 302 16.17 7.20 14.49
N THR A 303 14.88 7.32 14.24
CA THR A 303 14.41 7.65 12.90
C THR A 303 14.45 9.16 12.68
N ASP A 304 15.10 9.56 11.60
CA ASP A 304 15.14 10.96 11.17
C ASP A 304 14.05 11.12 10.12
N TRP A 305 12.86 11.55 10.56
CA TRP A 305 11.68 11.55 9.70
C TRP A 305 11.89 12.40 8.46
N ILE A 306 12.49 13.57 8.62
CA ILE A 306 12.73 14.41 7.45
C ILE A 306 13.71 13.75 6.50
N ALA A 307 14.79 13.17 7.04
CA ALA A 307 15.77 12.49 6.19
C ALA A 307 15.18 11.31 5.43
N ILE A 308 14.24 10.58 6.04
CA ILE A 308 13.58 9.51 5.29
C ILE A 308 12.80 10.09 4.12
N TYR A 309 12.02 11.14 4.38
CA TYR A 309 11.21 11.74 3.33
C TYR A 309 12.09 12.25 2.18
N GLN A 310 13.21 12.90 2.52
CA GLN A 310 14.13 13.42 1.52
C GLN A 310 15.00 12.32 0.91
N ARG A 311 14.84 11.08 1.36
CA ARG A 311 15.60 9.94 0.82
C ARG A 311 17.10 10.09 1.04
N LYS A 312 17.49 10.62 2.21
CA LYS A 312 18.90 10.80 2.55
C LYS A 312 19.49 9.61 3.32
N VAL A 313 18.66 8.67 3.77
CA VAL A 313 19.10 7.57 4.62
C VAL A 313 19.56 6.42 3.73
N GLU A 314 20.71 5.83 4.07
CA GLU A 314 21.19 4.67 3.31
C GLU A 314 20.29 3.48 3.58
N ALA A 315 19.78 2.87 2.50
CA ALA A 315 18.85 1.76 2.65
C ALA A 315 19.56 0.50 3.15
N PRO A 316 18.85 -0.36 3.88
CA PRO A 316 19.50 -1.59 4.37
C PRO A 316 19.73 -2.61 3.28
N PHE A 317 19.01 -2.52 2.15
CA PHE A 317 19.07 -3.52 1.11
C PHE A 317 18.86 -2.85 -0.24
N ILE A 318 19.78 -3.07 -1.18
CA ILE A 318 19.68 -2.55 -2.54
C ILE A 318 19.45 -3.73 -3.48
N PRO A 319 18.33 -3.82 -4.19
CA PRO A 319 18.10 -4.98 -5.05
C PRO A 319 19.06 -5.00 -6.24
N LYS A 320 19.36 -6.22 -6.69
CA LYS A 320 20.20 -6.38 -7.87
C LYS A 320 19.42 -5.97 -9.11
N PHE A 321 20.10 -5.25 -10.00
CA PHE A 321 19.48 -4.77 -11.24
C PHE A 321 20.48 -4.95 -12.38
N LYS A 322 20.09 -5.74 -13.38
CA LYS A 322 20.96 -6.07 -14.49
C LYS A 322 20.78 -5.16 -15.68
N GLY A 323 19.88 -4.18 -15.60
CA GLY A 323 19.69 -3.23 -16.68
C GLY A 323 18.21 -2.94 -16.90
N PRO A 324 17.93 -2.07 -17.87
CA PRO A 324 16.53 -1.71 -18.13
C PRO A 324 15.73 -2.93 -18.57
N GLY A 325 14.55 -3.08 -17.98
CA GLY A 325 13.68 -4.18 -18.34
C GLY A 325 13.99 -5.49 -17.65
N ASP A 326 14.91 -5.49 -16.70
CA ASP A 326 15.27 -6.73 -16.00
C ASP A 326 14.12 -7.16 -15.10
N THR A 327 13.70 -8.43 -15.20
CA THR A 327 12.60 -8.98 -14.41
C THR A 327 13.06 -10.02 -13.39
N SER A 328 14.37 -10.09 -13.09
CA SER A 328 14.89 -11.17 -12.28
C SER A 328 14.34 -11.15 -10.85
N ASN A 329 13.88 -10.01 -10.35
CA ASN A 329 13.39 -9.93 -8.97
C ASN A 329 11.92 -10.28 -8.83
N PHE A 330 11.27 -10.70 -9.92
CA PHE A 330 9.87 -11.13 -9.89
C PHE A 330 9.76 -12.62 -10.17
N ASP A 331 8.73 -13.22 -9.57
CA ASP A 331 8.43 -14.63 -9.81
C ASP A 331 7.81 -14.79 -11.21
N ASP A 332 7.74 -16.04 -11.66
CA ASP A 332 7.19 -16.36 -12.97
C ASP A 332 5.71 -16.75 -12.85
N TYR A 333 4.94 -16.43 -13.89
CA TYR A 333 3.51 -16.69 -13.91
C TYR A 333 3.14 -17.21 -15.29
N GLU A 334 2.03 -17.94 -15.35
CA GLU A 334 1.52 -18.38 -16.64
C GLU A 334 1.12 -17.19 -17.48
N GLU A 335 1.48 -17.22 -18.76
CA GLU A 335 1.17 -16.14 -19.70
C GLU A 335 -0.09 -16.49 -20.46
N GLU A 336 -0.98 -15.51 -20.60
CA GLU A 336 -2.19 -15.65 -21.39
C GLU A 336 -2.30 -14.45 -22.32
N GLU A 337 -2.45 -14.70 -23.61
CA GLU A 337 -2.54 -13.61 -24.57
C GLU A 337 -3.71 -12.70 -24.22
N ILE A 338 -3.63 -11.46 -24.69
CA ILE A 338 -4.63 -10.44 -24.42
C ILE A 338 -5.58 -10.42 -25.62
N ARG A 339 -6.82 -10.84 -25.40
CA ARG A 339 -7.83 -10.88 -26.45
C ARG A 339 -8.80 -9.72 -26.25
N VAL A 340 -8.93 -8.89 -27.27
CA VAL A 340 -9.86 -7.77 -27.27
C VAL A 340 -11.07 -8.08 -28.15
N SEP A 341 -12.26 -8.08 -27.55
CA SEP A 341 -13.49 -8.45 -28.25
CB SEP A 341 -14.65 -8.54 -27.25
OG SEP A 341 -15.91 -8.72 -27.90
C SEP A 341 -13.83 -7.44 -29.34
O SEP A 341 -13.41 -6.28 -29.29
P SEP A 341 -16.11 -10.20 -28.46
O1P SEP A 341 -17.67 -10.60 -28.33
O2P SEP A 341 -15.60 -10.23 -29.99
O3P SEP A 341 -15.26 -11.27 -27.61
H SEP A 341 -12.38 -7.89 -26.72
HA SEP A 341 -13.37 -9.32 -28.67
HB2 SEP A 341 -14.68 -7.72 -26.73
HB3 SEP A 341 -14.50 -9.30 -26.66
N ILE A 342 -14.58 -7.90 -30.34
CA ILE A 342 -15.06 -7.05 -31.41
C ILE A 342 -16.10 -6.07 -30.86
N ASN A 343 -16.79 -6.48 -29.80
CA ASN A 343 -17.90 -5.70 -29.24
C ASN A 343 -17.54 -5.17 -27.87
N GLU A 344 -17.86 -3.90 -27.63
CA GLU A 344 -17.63 -3.27 -26.35
C GLU A 344 -18.41 -3.98 -25.24
N LYS A 345 -17.74 -4.22 -24.12
CA LYS A 345 -18.39 -4.74 -22.93
C LYS A 345 -18.48 -3.65 -21.88
N CYS A 346 -19.62 -3.58 -21.20
CA CYS A 346 -19.78 -2.73 -20.01
C CYS A 346 -19.40 -1.29 -20.29
N GLY A 347 -19.85 -0.77 -21.44
CA GLY A 347 -19.54 0.62 -21.78
C GLY A 347 -20.09 1.62 -20.79
N LYS A 348 -21.34 1.42 -20.35
CA LYS A 348 -21.97 2.37 -19.44
C LYS A 348 -21.31 2.35 -18.07
N GLU A 349 -21.06 1.15 -17.53
CA GLU A 349 -20.49 1.03 -16.19
C GLU A 349 -19.20 1.82 -16.02
N PHE A 350 -18.36 1.84 -17.05
CA PHE A 350 -17.02 2.43 -16.94
C PHE A 350 -16.88 3.72 -17.74
N THR A 351 -17.99 4.46 -17.89
CA THR A 351 -17.96 5.71 -18.65
C THR A 351 -16.95 6.70 -18.06
N GLU A 352 -16.84 6.75 -16.73
CA GLU A 352 -15.96 7.71 -16.07
C GLU A 352 -14.48 7.34 -16.12
N PHE A 353 -14.16 6.09 -16.45
CA PHE A 353 -12.76 5.67 -16.46
C PHE A 353 -11.97 6.28 -17.61
N ALA B 3 0.20 -22.92 11.91
CA ALA B 3 -0.22 -23.17 10.53
C ALA B 3 -1.02 -21.99 9.98
N GLY B 4 -0.55 -21.46 8.86
CA GLY B 4 -1.20 -20.32 8.21
C GLY B 4 -0.69 -20.22 6.78
N ARG B 5 -1.20 -19.20 6.08
CA ARG B 5 -0.94 -19.05 4.65
C ARG B 5 0.42 -18.40 4.42
N THR B 6 1.29 -19.05 3.65
CA THR B 6 2.63 -18.52 3.40
C THR B 6 2.78 -17.90 2.02
N GLY B 7 1.85 -18.19 1.09
CA GLY B 7 1.90 -17.63 -0.26
C GLY B 7 1.23 -16.28 -0.35
N ARG B 8 1.26 -15.71 -1.56
CA ARG B 8 0.62 -14.42 -1.79
C ARG B 8 -0.86 -14.49 -1.46
N ARG B 9 -1.35 -13.44 -0.82
CA ARG B 9 -2.69 -13.38 -0.27
C ARG B 9 -3.55 -12.43 -1.10
N GLN B 10 -4.70 -12.94 -1.56
CA GLN B 10 -5.61 -12.12 -2.36
C GLN B 10 -6.55 -11.31 -1.48
N ALA B 11 -6.78 -10.07 -1.87
CA ALA B 11 -7.70 -9.22 -1.12
C ALA B 11 -9.11 -9.48 -1.62
N ILE B 12 -10.08 -9.29 -0.74
CA ILE B 12 -11.49 -9.51 -1.07
C ILE B 12 -12.19 -8.17 -1.14
N HIS B 13 -12.86 -7.89 -2.28
CA HIS B 13 -13.49 -6.59 -2.50
C HIS B 13 -14.83 -6.47 -1.78
N ASP B 14 -15.43 -7.60 -1.41
CA ASP B 14 -16.76 -7.63 -0.82
C ASP B 14 -16.86 -8.98 -0.11
N ILE B 15 -16.59 -8.99 1.19
CA ILE B 15 -16.54 -10.25 1.93
C ILE B 15 -17.96 -10.79 2.10
C4 8M2 C . 3.41 -5.14 -9.73
S1 8M2 C . 4.69 -6.07 -10.37
C5 8M2 C . 4.32 -7.39 -9.31
C3 8M2 C . 3.26 -7.10 -8.52
C1 8M2 C . 2.71 -5.80 -8.76
C2 8M2 C . 1.57 -5.29 -8.05
N2 8M2 C . 1.23 -5.83 -6.90
N1 8M2 C . 0.86 -4.32 -8.57
HC4 8M2 C . 3.22 -4.14 -10.11
HC5 8M2 C . 4.90 -8.31 -9.33
HC3 8M2 C . 2.86 -7.78 -7.77
HN21 8M2 C . 0.43 -5.51 -6.39
HN22 8M2 C . 1.75 -6.59 -6.45
HN1 8M2 C . 0.03 -3.92 -8.14
H1 8M2 C . 1.12 -3.89 -9.46
C1 MPD D . 8.33 14.36 6.10
C2 MPD D . 7.29 15.39 5.63
O2 MPD D . 6.91 16.12 6.83
CM MPD D . 7.90 16.40 4.66
C3 MPD D . 6.07 14.72 5.01
C4 MPD D . 5.20 13.96 6.03
O4 MPD D . 4.60 14.86 6.91
C5 MPD D . 4.09 13.11 5.40
H11 MPD D . 7.97 13.36 5.89
H12 MPD D . 8.49 14.47 7.17
H13 MPD D . 9.27 14.54 5.58
HO2 MPD D . 5.93 16.02 6.95
HM1 MPD D . 7.31 16.41 3.74
HM2 MPD D . 8.92 16.12 4.42
HM3 MPD D . 7.88 17.40 5.11
H31 MPD D . 6.40 14.02 4.24
H32 MPD D . 5.46 15.47 4.51
H4 MPD D . 5.86 13.30 6.60
HO4 MPD D . 4.58 14.48 7.82
H51 MPD D . 3.13 13.42 5.80
H52 MPD D . 4.27 12.05 5.64
H53 MPD D . 4.10 13.24 4.31
#